data_1GO3
#
_entry.id   1GO3
#
_cell.length_a   92.391
_cell.length_b   92.391
_cell.length_c   91.109
_cell.angle_alpha   90.00
_cell.angle_beta   90.00
_cell.angle_gamma   90.00
#
_symmetry.space_group_name_H-M   'P 43'
#
loop_
_entity.id
_entity.type
_entity.pdbx_description
1 polymer 'DNA-DIRECTED RNA POLYMERASE SUBUNIT E'
2 polymer 'DNA-DIRECTED RNA POLYMERASE SUBUNIT F'
3 water water
#
loop_
_entity_poly.entity_id
_entity_poly.type
_entity_poly.pdbx_seq_one_letter_code
_entity_poly.pdbx_strand_id
1 'polypeptide(L)'
;MYKILEIADVVKVPPEEFGKDLKETVKKILMEKYEGRLDKDVGFVLSIVDVKDIGEGKVVHGDGSAYHPVVFETLVYIPE
MYELIEGEVVDVVEFGSFVRLGPLDGLIHVSQIMDDYVSYDPKREAIIGKETGKVLEIGDYVRARIVAISLKAERKRGSK
IALTMRQPYLGKLEWIEEEKAKKQNQE
;
E,M
2 'polypeptide(L)'
;MIGKKILGERYVTVSEAAEIMYNRAQIGELSYEQGCALDYLQKFAKLDKEEAKKLVEELISLGIDEKTAVKIADILPEDL
DDLRAIYYKRELPENAEEILEIVRKYI
;
F,N
#
# COMPACT_ATOMS: atom_id res chain seq x y z
N MET A 1 -20.36 31.06 5.47
CA MET A 1 -20.13 30.06 4.40
C MET A 1 -19.69 28.73 4.99
N TYR A 2 -19.86 27.66 4.23
CA TYR A 2 -19.43 26.34 4.65
C TYR A 2 -18.45 25.84 3.62
N LYS A 3 -17.39 25.18 4.08
CA LYS A 3 -16.36 24.67 3.18
C LYS A 3 -15.88 23.28 3.58
N ILE A 4 -15.38 22.56 2.60
CA ILE A 4 -14.78 21.25 2.83
C ILE A 4 -13.31 21.52 2.54
N LEU A 5 -12.44 21.25 3.50
CA LEU A 5 -11.02 21.48 3.30
C LEU A 5 -10.23 20.18 3.24
N GLU A 6 -9.19 20.17 2.42
CA GLU A 6 -8.30 19.02 2.29
C GLU A 6 -7.08 19.44 3.08
N ILE A 7 -6.74 18.69 4.12
CA ILE A 7 -5.62 19.06 4.97
C ILE A 7 -4.55 17.97 5.11
N ALA A 8 -3.30 18.38 4.98
CA ALA A 8 -2.16 17.48 5.13
C ALA A 8 -1.71 17.63 6.59
N ASP A 9 -1.35 16.53 7.21
CA ASP A 9 -0.95 16.58 8.62
C ASP A 9 -0.13 15.33 8.97
N VAL A 10 0.31 15.27 10.22
CA VAL A 10 1.06 14.13 10.73
C VAL A 10 0.33 13.72 12.01
N VAL A 11 -0.16 12.48 12.05
CA VAL A 11 -0.90 12.01 13.21
C VAL A 11 -0.10 11.05 14.08
N LYS A 12 -0.06 11.34 15.37
CA LYS A 12 0.66 10.54 16.35
C LYS A 12 -0.23 9.41 16.88
N VAL A 13 0.16 8.17 16.59
CA VAL A 13 -0.59 7.01 17.03
C VAL A 13 0.15 6.30 18.16
N PRO A 14 -0.42 6.31 19.38
CA PRO A 14 0.18 5.66 20.56
C PRO A 14 0.24 4.15 20.38
N PRO A 15 1.25 3.49 20.97
CA PRO A 15 1.40 2.04 20.86
C PRO A 15 0.22 1.24 21.40
N GLU A 16 -0.52 1.82 22.35
CA GLU A 16 -1.67 1.15 22.92
C GLU A 16 -2.75 0.90 21.88
N GLU A 17 -2.65 1.59 20.75
CA GLU A 17 -3.65 1.47 19.69
C GLU A 17 -3.19 0.65 18.48
N PHE A 18 -1.97 0.11 18.53
CA PHE A 18 -1.46 -0.64 17.40
C PHE A 18 -2.28 -1.85 16.93
N GLY A 19 -3.14 -2.37 17.78
CA GLY A 19 -3.95 -3.52 17.38
C GLY A 19 -5.28 -3.16 16.72
N LYS A 20 -5.65 -1.89 16.80
CA LYS A 20 -6.91 -1.43 16.23
C LYS A 20 -6.77 -0.98 14.78
N ASP A 21 -7.90 -0.91 14.07
CA ASP A 21 -7.89 -0.49 12.68
C ASP A 21 -7.20 0.87 12.56
N LEU A 22 -6.19 0.95 11.72
CA LEU A 22 -5.43 2.18 11.54
C LEU A 22 -6.26 3.40 11.14
N LYS A 23 -7.05 3.26 10.07
CA LYS A 23 -7.85 4.40 9.62
C LYS A 23 -8.83 4.89 10.69
N GLU A 24 -9.51 3.98 11.36
CA GLU A 24 -10.46 4.36 12.40
C GLU A 24 -9.75 5.05 13.56
N THR A 25 -8.57 4.54 13.92
CA THR A 25 -7.80 5.11 15.02
C THR A 25 -7.33 6.52 14.66
N VAL A 26 -6.82 6.68 13.45
CA VAL A 26 -6.36 7.99 13.00
C VAL A 26 -7.53 8.97 12.95
N LYS A 27 -8.68 8.53 12.45
CA LYS A 27 -9.83 9.41 12.36
C LYS A 27 -10.25 9.87 13.75
N LYS A 28 -10.26 8.95 14.71
CA LYS A 28 -10.66 9.27 16.08
C LYS A 28 -9.71 10.31 16.68
N ILE A 29 -8.41 10.12 16.46
CA ILE A 29 -7.42 11.06 16.99
C ILE A 29 -7.62 12.44 16.39
N LEU A 30 -7.89 12.50 15.09
CA LEU A 30 -8.11 13.78 14.41
C LEU A 30 -9.37 14.47 14.95
N MET A 31 -10.41 13.69 15.19
CA MET A 31 -11.66 14.26 15.70
C MET A 31 -11.45 14.89 17.07
N GLU A 32 -10.77 14.17 17.95
CA GLU A 32 -10.51 14.66 19.29
C GLU A 32 -9.60 15.90 19.27
N LYS A 33 -8.67 15.92 18.33
CA LYS A 33 -7.74 17.04 18.25
C LYS A 33 -8.29 18.31 17.60
N TYR A 34 -9.04 18.17 16.52
CA TYR A 34 -9.53 19.34 15.79
C TYR A 34 -11.00 19.76 15.85
N GLU A 35 -11.93 18.82 16.01
CA GLU A 35 -13.33 19.22 16.04
C GLU A 35 -13.60 20.15 17.22
N GLY A 36 -14.32 21.23 16.94
CA GLY A 36 -14.63 22.18 17.99
C GLY A 36 -13.66 23.35 17.98
N ARG A 37 -12.54 23.21 17.29
CA ARG A 37 -11.55 24.29 17.22
C ARG A 37 -12.07 25.44 16.37
N LEU A 38 -11.73 26.66 16.77
CA LEU A 38 -12.13 27.84 16.03
C LEU A 38 -10.88 28.61 15.64
N ASP A 39 -10.64 28.72 14.34
CA ASP A 39 -9.46 29.42 13.84
C ASP A 39 -9.90 30.63 13.03
N LYS A 40 -9.24 31.76 13.27
CA LYS A 40 -9.54 33.01 12.60
C LYS A 40 -9.51 32.90 11.07
N ASP A 41 -8.55 32.14 10.56
CA ASP A 41 -8.39 31.97 9.12
C ASP A 41 -9.15 30.78 8.54
N VAL A 42 -9.20 29.68 9.28
CA VAL A 42 -9.87 28.47 8.83
C VAL A 42 -11.37 28.43 9.14
N GLY A 43 -11.72 28.82 10.36
CA GLY A 43 -13.13 28.80 10.76
C GLY A 43 -13.37 27.79 11.86
N PHE A 44 -14.63 27.40 12.03
CA PHE A 44 -15.01 26.44 13.07
C PHE A 44 -14.97 25.02 12.49
N VAL A 45 -14.15 24.14 13.07
CA VAL A 45 -14.06 22.77 12.59
C VAL A 45 -15.26 21.96 13.05
N LEU A 46 -16.15 21.60 12.12
CA LEU A 46 -17.35 20.87 12.44
C LEU A 46 -17.23 19.34 12.42
N SER A 47 -16.49 18.82 11.46
CA SER A 47 -16.35 17.38 11.35
C SER A 47 -15.16 16.92 10.53
N ILE A 48 -14.59 15.80 10.94
CA ILE A 48 -13.50 15.17 10.19
C ILE A 48 -14.33 14.22 9.32
N VAL A 49 -14.56 14.62 8.08
CA VAL A 49 -15.38 13.84 7.17
C VAL A 49 -14.80 12.49 6.79
N ASP A 50 -13.49 12.47 6.52
CA ASP A 50 -12.85 11.22 6.13
C ASP A 50 -11.34 11.40 6.07
N VAL A 51 -10.63 10.29 6.14
CA VAL A 51 -9.17 10.30 6.05
C VAL A 51 -8.91 9.72 4.67
N LYS A 52 -8.30 10.52 3.81
CA LYS A 52 -8.06 10.11 2.43
C LYS A 52 -6.72 9.44 2.14
N ASP A 53 -5.76 9.56 3.06
CA ASP A 53 -4.46 8.94 2.85
C ASP A 53 -3.70 8.84 4.16
N ILE A 54 -3.06 7.69 4.38
CA ILE A 54 -2.26 7.47 5.58
C ILE A 54 -0.95 6.81 5.17
N GLY A 55 0.14 7.54 5.33
CA GLY A 55 1.45 7.01 4.97
C GLY A 55 2.03 6.08 6.01
N GLU A 56 3.22 5.56 5.73
CA GLU A 56 3.88 4.64 6.66
C GLU A 56 4.27 5.40 7.91
N GLY A 57 4.22 4.71 9.04
CA GLY A 57 4.56 5.33 10.31
C GLY A 57 6.05 5.54 10.50
N LYS A 58 6.40 6.64 11.16
CA LYS A 58 7.79 6.96 11.46
C LYS A 58 7.95 6.98 12.97
N VAL A 59 9.04 6.42 13.46
CA VAL A 59 9.29 6.39 14.89
C VAL A 59 10.58 7.15 15.21
N VAL A 60 10.50 8.04 16.20
CA VAL A 60 11.65 8.84 16.63
C VAL A 60 12.09 8.38 18.01
N HIS A 61 13.40 8.41 18.27
CA HIS A 61 13.92 7.97 19.56
C HIS A 61 13.25 8.67 20.73
N GLY A 62 13.16 7.97 21.85
CA GLY A 62 12.55 8.53 23.04
C GLY A 62 11.04 8.65 22.97
N ASP A 63 10.46 8.21 21.86
CA ASP A 63 9.01 8.29 21.66
C ASP A 63 8.51 6.95 21.13
N GLY A 64 7.51 6.38 21.79
CA GLY A 64 6.99 5.09 21.35
C GLY A 64 5.84 5.15 20.35
N SER A 65 5.40 6.36 20.01
CA SER A 65 4.30 6.51 19.07
C SER A 65 4.75 6.42 17.62
N ALA A 66 3.80 6.10 16.74
CA ALA A 66 4.06 6.00 15.32
C ALA A 66 3.48 7.25 14.67
N TYR A 67 4.34 8.02 14.01
CA TYR A 67 3.88 9.23 13.35
C TYR A 67 3.57 8.96 11.88
N HIS A 68 2.30 9.07 11.53
CA HIS A 68 1.86 8.81 10.15
C HIS A 68 1.49 10.07 9.39
N PRO A 69 2.00 10.21 8.16
CA PRO A 69 1.65 11.39 7.38
C PRO A 69 0.21 11.10 6.94
N VAL A 70 -0.64 12.11 6.91
CA VAL A 70 -2.02 11.86 6.50
C VAL A 70 -2.62 13.04 5.75
N VAL A 71 -3.70 12.75 5.03
CA VAL A 71 -4.46 13.77 4.33
C VAL A 71 -5.89 13.49 4.75
N PHE A 72 -6.54 14.48 5.35
CA PHE A 72 -7.92 14.28 5.78
C PHE A 72 -8.81 15.41 5.27
N GLU A 73 -10.11 15.14 5.22
CA GLU A 73 -11.08 16.11 4.76
C GLU A 73 -11.89 16.60 5.94
N THR A 74 -12.17 17.90 5.99
CA THR A 74 -12.92 18.45 7.10
C THR A 74 -13.92 19.53 6.69
N LEU A 75 -15.08 19.50 7.34
CA LEU A 75 -16.13 20.47 7.09
C LEU A 75 -15.97 21.61 8.09
N VAL A 76 -15.98 22.85 7.59
CA VAL A 76 -15.82 24.00 8.48
C VAL A 76 -16.86 25.07 8.19
N TYR A 77 -17.14 25.88 9.20
CA TYR A 77 -18.06 27.00 9.07
C TYR A 77 -17.18 28.24 9.13
N ILE A 78 -17.30 29.11 8.14
CA ILE A 78 -16.50 30.32 8.13
C ILE A 78 -17.31 31.55 7.74
N PRO A 79 -17.51 32.47 8.68
CA PRO A 79 -18.27 33.69 8.43
C PRO A 79 -17.39 34.60 7.59
N GLU A 80 -17.96 35.31 6.63
CA GLU A 80 -17.17 36.21 5.80
C GLU A 80 -17.78 37.61 5.81
N MET A 81 -16.92 38.63 5.81
CA MET A 81 -17.39 40.00 5.83
C MET A 81 -18.35 40.32 4.69
N TYR A 82 -19.42 41.03 5.01
CA TYR A 82 -20.44 41.44 4.04
C TYR A 82 -21.21 40.26 3.44
N GLU A 83 -21.09 39.09 4.06
CA GLU A 83 -21.79 37.91 3.55
C GLU A 83 -23.29 37.97 3.82
N LEU A 84 -24.07 37.50 2.85
CA LEU A 84 -25.52 37.46 2.98
C LEU A 84 -25.87 36.13 3.62
N ILE A 85 -26.60 36.18 4.74
CA ILE A 85 -26.96 34.94 5.42
C ILE A 85 -28.44 34.86 5.73
N GLU A 86 -28.87 33.66 6.09
CA GLU A 86 -30.23 33.42 6.52
C GLU A 86 -30.06 32.58 7.78
N GLY A 87 -30.84 32.89 8.81
CA GLY A 87 -30.72 32.14 10.05
C GLY A 87 -31.95 32.25 10.92
N GLU A 88 -31.93 31.59 12.07
CA GLU A 88 -33.05 31.59 12.99
C GLU A 88 -32.74 32.36 14.27
N VAL A 89 -33.68 33.19 14.71
CA VAL A 89 -33.51 33.95 15.94
C VAL A 89 -33.61 33.01 17.12
N VAL A 90 -32.57 32.96 17.95
CA VAL A 90 -32.57 32.06 19.11
C VAL A 90 -32.66 32.78 20.45
N ASP A 91 -32.59 34.12 20.43
CA ASP A 91 -32.67 34.87 21.67
C ASP A 91 -32.90 36.36 21.35
N VAL A 92 -33.84 36.97 22.06
CA VAL A 92 -34.13 38.38 21.86
C VAL A 92 -34.02 39.11 23.19
N VAL A 93 -33.11 40.07 23.25
CA VAL A 93 -32.88 40.86 24.46
C VAL A 93 -33.09 42.34 24.15
N GLU A 94 -32.88 43.20 25.15
CA GLU A 94 -33.06 44.63 24.95
C GLU A 94 -32.01 45.22 24.01
N PHE A 95 -30.84 44.58 23.93
CA PHE A 95 -29.79 45.11 23.07
C PHE A 95 -29.66 44.45 21.69
N GLY A 96 -30.61 43.58 21.35
CA GLY A 96 -30.55 42.93 20.06
C GLY A 96 -31.12 41.54 19.97
N SER A 97 -30.92 40.90 18.83
CA SER A 97 -31.41 39.55 18.61
C SER A 97 -30.29 38.64 18.13
N PHE A 98 -30.13 37.50 18.79
CA PHE A 98 -29.10 36.55 18.40
C PHE A 98 -29.66 35.62 17.33
N VAL A 99 -28.87 35.40 16.28
CA VAL A 99 -29.27 34.56 15.16
C VAL A 99 -28.29 33.41 14.94
N ARG A 100 -28.81 32.19 14.92
CA ARG A 100 -27.96 31.01 14.71
C ARG A 100 -27.56 30.94 13.24
N LEU A 101 -26.27 30.74 13.00
CA LEU A 101 -25.73 30.67 11.64
C LEU A 101 -25.08 29.31 11.41
N GLY A 102 -25.07 28.50 12.46
CA GLY A 102 -24.47 27.17 12.41
C GLY A 102 -23.95 26.90 13.81
N PRO A 103 -22.64 26.61 13.96
CA PRO A 103 -22.09 26.34 15.29
C PRO A 103 -21.90 27.65 16.06
N LEU A 104 -22.00 28.76 15.35
CA LEU A 104 -21.84 30.09 15.95
C LEU A 104 -23.08 30.93 15.68
N ASP A 105 -23.28 31.95 16.51
CA ASP A 105 -24.42 32.85 16.35
C ASP A 105 -23.93 34.27 16.05
N GLY A 106 -24.78 35.03 15.37
CA GLY A 106 -24.46 36.41 15.06
C GLY A 106 -25.41 37.26 15.87
N LEU A 107 -25.07 38.52 16.06
CA LEU A 107 -25.93 39.42 16.82
C LEU A 107 -26.37 40.63 16.01
N ILE A 108 -27.68 40.82 15.92
CA ILE A 108 -28.21 41.99 15.23
C ILE A 108 -28.48 42.96 16.37
N HIS A 109 -27.67 43.98 16.51
CA HIS A 109 -27.90 44.96 17.58
C HIS A 109 -29.29 45.55 17.37
N VAL A 110 -29.96 45.84 18.47
CA VAL A 110 -31.33 46.37 18.45
C VAL A 110 -31.59 47.51 17.47
N SER A 111 -30.58 48.33 17.22
CA SER A 111 -30.73 49.46 16.31
C SER A 111 -30.50 49.09 14.84
N GLN A 112 -30.20 47.82 14.57
CA GLN A 112 -29.94 47.37 13.21
C GLN A 112 -30.98 46.36 12.72
N ILE A 113 -32.08 46.26 13.44
CA ILE A 113 -33.14 45.33 13.08
C ILE A 113 -34.08 45.89 12.01
N MET A 114 -34.52 47.13 12.21
CA MET A 114 -35.43 47.76 11.26
C MET A 114 -35.34 49.29 11.34
N ASP A 115 -35.81 49.94 10.27
CA ASP A 115 -35.82 51.39 10.21
C ASP A 115 -37.11 51.87 10.87
N ASP A 116 -37.10 51.89 12.20
CA ASP A 116 -38.27 52.29 12.97
C ASP A 116 -37.87 52.39 14.44
N TYR A 117 -38.71 53.03 15.25
CA TYR A 117 -38.41 53.14 16.67
C TYR A 117 -38.82 51.83 17.31
N VAL A 118 -37.85 51.12 17.87
CA VAL A 118 -38.10 49.83 18.49
C VAL A 118 -38.05 49.83 20.01
N SER A 119 -38.65 48.81 20.60
CA SER A 119 -38.67 48.65 22.05
C SER A 119 -38.72 47.15 22.35
N TYR A 120 -38.05 46.75 23.43
CA TYR A 120 -38.02 45.35 23.81
C TYR A 120 -39.18 45.03 24.76
N ASP A 121 -39.99 44.05 24.38
CA ASP A 121 -41.13 43.64 25.19
C ASP A 121 -40.75 42.38 25.96
N PRO A 122 -40.45 42.52 27.26
CA PRO A 122 -40.07 41.39 28.12
C PRO A 122 -41.07 40.24 28.01
N LYS A 123 -42.34 40.60 27.83
CA LYS A 123 -43.41 39.62 27.72
C LYS A 123 -43.70 39.31 26.25
N ALA A 126 -39.63 40.01 22.57
CA ALA A 126 -39.68 40.37 21.16
C ALA A 126 -39.40 41.85 20.95
N ILE A 127 -38.82 42.18 19.80
CA ILE A 127 -38.51 43.55 19.44
C ILE A 127 -39.65 44.05 18.56
N ILE A 128 -40.26 45.16 18.95
CA ILE A 128 -41.39 45.70 18.20
C ILE A 128 -41.17 47.11 17.67
N GLY A 129 -41.59 47.33 16.42
CA GLY A 129 -41.47 48.64 15.80
C GLY A 129 -42.73 49.42 16.09
N LYS A 130 -42.57 50.63 16.62
CA LYS A 130 -43.70 51.47 16.97
C LYS A 130 -44.51 51.98 15.78
N GLU A 131 -43.82 52.42 14.73
CA GLU A 131 -44.48 52.97 13.55
C GLU A 131 -44.88 51.92 12.51
N THR A 132 -44.15 50.82 12.43
CA THR A 132 -44.44 49.79 11.44
C THR A 132 -45.25 48.60 11.98
N GLY A 133 -45.10 48.33 13.27
CA GLY A 133 -45.82 47.21 13.86
C GLY A 133 -45.07 45.92 13.62
N LYS A 134 -43.94 46.00 12.93
CA LYS A 134 -43.11 44.83 12.65
C LYS A 134 -42.61 44.23 13.95
N VAL A 135 -42.56 42.90 14.01
CA VAL A 135 -42.11 42.23 15.21
C VAL A 135 -41.06 41.15 14.91
N LEU A 136 -40.07 41.06 15.78
CA LEU A 136 -39.00 40.07 15.64
C LEU A 136 -38.95 39.33 16.97
N GLU A 137 -39.15 38.02 16.91
CA GLU A 137 -39.12 37.22 18.13
C GLU A 137 -38.44 35.87 17.91
N ILE A 138 -38.09 35.21 19.01
CA ILE A 138 -37.42 33.92 18.95
C ILE A 138 -38.16 32.95 18.02
N GLY A 139 -37.42 32.30 17.13
CA GLY A 139 -38.02 31.37 16.20
C GLY A 139 -38.14 31.91 14.79
N ASP A 140 -38.17 33.24 14.65
CA ASP A 140 -38.29 33.85 13.33
C ASP A 140 -37.06 33.59 12.46
N TYR A 141 -37.29 33.50 11.15
CA TYR A 141 -36.22 33.30 10.19
C TYR A 141 -35.90 34.66 9.60
N VAL A 142 -34.61 34.95 9.43
CA VAL A 142 -34.20 36.24 8.90
C VAL A 142 -33.13 36.15 7.81
N ARG A 143 -33.02 37.20 7.03
CA ARG A 143 -32.00 37.30 6.00
C ARG A 143 -31.25 38.55 6.44
N ALA A 144 -29.95 38.43 6.66
CA ALA A 144 -29.15 39.56 7.12
C ALA A 144 -27.78 39.57 6.47
N ARG A 145 -26.97 40.56 6.82
CA ARG A 145 -25.63 40.68 6.28
C ARG A 145 -24.62 40.85 7.41
N ILE A 146 -23.50 40.14 7.32
CA ILE A 146 -22.46 40.22 8.33
C ILE A 146 -21.68 41.52 8.14
N VAL A 147 -21.59 42.31 9.20
CA VAL A 147 -20.87 43.58 9.12
C VAL A 147 -19.66 43.69 10.04
N ALA A 148 -19.44 42.66 10.86
CA ALA A 148 -18.30 42.65 11.78
C ALA A 148 -17.99 41.22 12.20
N ILE A 149 -16.70 40.88 12.22
CA ILE A 149 -16.28 39.54 12.60
C ILE A 149 -15.05 39.56 13.52
N SER A 150 -15.14 38.83 14.62
CA SER A 150 -14.04 38.74 15.57
C SER A 150 -14.03 37.32 16.13
N LEU A 151 -13.28 36.44 15.49
CA LEU A 151 -13.17 35.04 15.91
C LEU A 151 -11.98 34.86 16.84
N LYS A 152 -12.22 34.32 18.03
CA LYS A 152 -11.16 34.08 19.00
C LYS A 152 -10.99 32.60 19.29
N ALA A 153 -9.84 32.05 18.92
CA ALA A 153 -9.56 30.64 19.15
C ALA A 153 -9.59 30.30 20.63
N SER A 159 -16.18 34.98 20.88
CA SER A 159 -16.20 35.42 19.50
C SER A 159 -17.41 36.30 19.24
N LYS A 160 -17.29 37.20 18.26
CA LYS A 160 -18.40 38.08 17.93
C LYS A 160 -18.63 38.27 16.45
N ILE A 161 -19.88 38.05 16.03
CA ILE A 161 -20.28 38.22 14.66
C ILE A 161 -21.45 39.20 14.72
N ALA A 162 -21.28 40.36 14.10
CA ALA A 162 -22.33 41.39 14.09
C ALA A 162 -23.12 41.31 12.79
N LEU A 163 -24.44 41.44 12.92
CA LEU A 163 -25.33 41.37 11.77
C LEU A 163 -26.21 42.60 11.67
N THR A 164 -26.72 42.85 10.48
CA THR A 164 -27.62 43.98 10.27
C THR A 164 -28.69 43.58 9.26
N MET A 165 -29.85 44.23 9.37
CA MET A 165 -30.95 44.00 8.44
C MET A 165 -31.44 45.37 8.00
N ARG A 166 -30.68 46.40 8.37
CA ARG A 166 -31.03 47.77 8.00
C ARG A 166 -30.40 48.17 6.68
N GLN A 167 -30.72 47.39 5.65
CA GLN A 167 -30.26 47.60 4.30
C GLN A 167 -31.39 47.06 3.44
N PRO A 168 -31.48 47.51 2.18
CA PRO A 168 -32.59 46.97 1.38
C PRO A 168 -32.39 45.48 1.10
N TYR A 169 -33.50 44.77 0.93
CA TYR A 169 -33.48 43.34 0.62
C TYR A 169 -33.13 42.44 1.82
N LEU A 170 -33.09 43.01 3.01
CA LEU A 170 -32.80 42.24 4.22
C LEU A 170 -33.99 42.31 5.15
N GLY A 171 -34.01 41.43 6.15
CA GLY A 171 -35.11 41.43 7.12
C GLY A 171 -35.69 40.06 7.43
N LYS A 172 -36.72 40.06 8.27
CA LYS A 172 -37.41 38.82 8.63
C LYS A 172 -37.94 38.34 7.28
N LEU A 173 -37.89 37.04 7.02
CA LEU A 173 -38.35 36.53 5.74
C LEU A 173 -39.76 36.95 5.38
N GLU A 174 -40.66 37.01 6.35
CA GLU A 174 -42.03 37.42 6.09
C GLU A 174 -42.10 38.87 5.59
N TRP A 175 -41.23 39.74 6.10
CA TRP A 175 -41.24 41.13 5.66
C TRP A 175 -40.81 41.21 4.20
N ILE A 176 -39.83 40.39 3.84
CA ILE A 176 -39.33 40.37 2.47
C ILE A 176 -40.39 39.85 1.52
N GLU A 177 -41.11 38.82 1.95
CA GLU A 177 -42.17 38.24 1.12
C GLU A 177 -43.29 39.25 0.91
N GLU A 178 -43.60 40.02 1.95
CA GLU A 178 -44.65 41.04 1.88
C GLU A 178 -44.26 42.13 0.89
N GLU A 179 -43.00 42.53 0.94
CA GLU A 179 -42.50 43.56 0.04
C GLU A 179 -42.63 43.09 -1.40
N LYS A 180 -42.32 41.82 -1.64
CA LYS A 180 -42.42 41.25 -2.98
C LYS A 180 -43.87 41.28 -3.47
N ALA A 181 -44.81 40.97 -2.58
CA ALA A 181 -46.22 40.95 -2.92
C ALA A 181 -46.69 42.34 -3.37
N LYS A 182 -46.24 43.37 -2.66
CA LYS A 182 -46.61 44.75 -2.99
C LYS A 182 -46.02 45.17 -4.33
N LYS A 183 -44.78 44.78 -4.57
CA LYS A 183 -44.09 45.12 -5.81
C LYS A 183 -44.50 44.17 -6.93
N GLN A 184 -44.85 42.95 -6.52
CA GLN A 184 -45.26 41.88 -7.44
C GLN A 184 -44.50 41.87 -8.76
N MET B 1 -1.91 25.32 14.85
CA MET B 1 -2.70 25.46 13.59
C MET B 1 -3.37 24.14 13.23
N ILE B 2 -4.31 24.18 12.29
CA ILE B 2 -5.01 22.97 11.86
C ILE B 2 -4.20 22.27 10.77
N GLY B 3 -3.50 21.21 11.17
CA GLY B 3 -2.70 20.45 10.23
C GLY B 3 -1.39 21.14 9.87
N LYS B 4 -0.68 20.58 8.91
CA LYS B 4 0.60 21.13 8.46
C LYS B 4 0.35 22.10 7.31
N LYS B 5 -0.72 21.88 6.57
CA LYS B 5 -1.06 22.75 5.45
C LYS B 5 -2.41 22.41 4.84
N ILE B 6 -3.11 23.44 4.36
CA ILE B 6 -4.39 23.25 3.70
C ILE B 6 -4.05 23.07 2.22
N LEU B 7 -4.31 21.88 1.70
CA LEU B 7 -4.01 21.60 0.30
C LEU B 7 -4.98 22.25 -0.68
N GLY B 8 -6.25 22.35 -0.27
CA GLY B 8 -7.25 22.94 -1.14
C GLY B 8 -8.58 23.03 -0.41
N GLU B 9 -9.54 23.71 -1.05
CA GLU B 9 -10.86 23.87 -0.45
C GLU B 9 -11.95 23.95 -1.50
N ARG B 10 -13.19 23.77 -1.04
CA ARG B 10 -14.36 23.84 -1.91
C ARG B 10 -15.52 24.35 -1.08
N TYR B 11 -16.17 25.41 -1.54
CA TYR B 11 -17.32 25.93 -0.82
C TYR B 11 -18.43 24.92 -1.06
N VAL B 12 -19.20 24.63 -0.02
CA VAL B 12 -20.30 23.69 -0.16
C VAL B 12 -21.60 24.35 0.28
N THR B 13 -22.70 23.90 -0.31
CA THR B 13 -24.01 24.44 0.01
C THR B 13 -24.43 23.97 1.39
N VAL B 14 -25.41 24.67 1.97
CA VAL B 14 -25.94 24.30 3.26
C VAL B 14 -26.57 22.90 3.14
N SER B 15 -27.18 22.65 1.98
CA SER B 15 -27.83 21.36 1.73
C SER B 15 -26.84 20.21 1.82
N GLU B 16 -25.66 20.37 1.22
CA GLU B 16 -24.66 19.33 1.25
C GLU B 16 -24.05 19.24 2.66
N ALA B 17 -23.79 20.39 3.26
CA ALA B 17 -23.21 20.43 4.60
C ALA B 17 -24.13 19.72 5.59
N ALA B 18 -25.44 19.86 5.38
CA ALA B 18 -26.41 19.22 6.26
C ALA B 18 -26.29 17.70 6.21
N GLU B 19 -26.08 17.15 5.02
CA GLU B 19 -25.93 15.71 4.88
C GLU B 19 -24.60 15.25 5.46
N ILE B 20 -23.57 16.07 5.31
CA ILE B 20 -22.26 15.73 5.85
C ILE B 20 -22.32 15.69 7.37
N MET B 21 -23.04 16.65 7.97
CA MET B 21 -23.18 16.68 9.42
C MET B 21 -24.08 15.55 9.91
N TYR B 22 -25.03 15.15 9.06
CA TYR B 22 -25.92 14.06 9.42
C TYR B 22 -25.07 12.79 9.58
N ASN B 23 -24.16 12.58 8.63
CA ASN B 23 -23.28 11.42 8.66
C ASN B 23 -22.39 11.45 9.89
N ARG B 24 -21.91 12.63 10.26
CA ARG B 24 -21.05 12.76 11.43
C ARG B 24 -21.82 12.35 12.70
N ALA B 25 -23.09 12.74 12.77
CA ALA B 25 -23.90 12.42 13.94
C ALA B 25 -24.18 10.92 14.05
N GLN B 26 -23.97 10.19 12.96
CA GLN B 26 -24.23 8.75 12.96
C GLN B 26 -23.05 7.94 13.52
N ILE B 27 -21.87 8.56 13.61
CA ILE B 27 -20.71 7.85 14.12
C ILE B 27 -20.36 8.17 15.57
N GLY B 28 -21.04 9.16 16.15
CA GLY B 28 -20.76 9.52 17.53
C GLY B 28 -21.58 10.70 17.99
N GLU B 29 -21.69 10.86 19.31
CA GLU B 29 -22.46 11.96 19.90
C GLU B 29 -21.84 13.31 19.55
N LEU B 30 -22.69 14.26 19.20
CA LEU B 30 -22.22 15.60 18.83
C LEU B 30 -22.08 16.53 20.03
N SER B 31 -21.16 17.48 19.93
CA SER B 31 -20.97 18.46 20.99
C SER B 31 -22.16 19.39 20.88
N TYR B 32 -22.29 20.34 21.80
CA TYR B 32 -23.40 21.26 21.75
C TYR B 32 -23.37 22.07 20.46
N GLU B 33 -22.21 22.64 20.14
CA GLU B 33 -22.09 23.46 18.94
C GLU B 33 -22.26 22.65 17.66
N GLN B 34 -21.78 21.40 17.65
CA GLN B 34 -21.96 20.56 16.47
C GLN B 34 -23.46 20.29 16.30
N GLY B 35 -24.15 20.13 17.43
CA GLY B 35 -25.57 19.88 17.40
C GLY B 35 -26.34 21.09 16.88
N CYS B 36 -25.90 22.28 17.27
CA CYS B 36 -26.52 23.51 16.79
C CYS B 36 -26.32 23.62 15.29
N ALA B 37 -25.13 23.24 14.84
CA ALA B 37 -24.83 23.29 13.41
C ALA B 37 -25.75 22.36 12.63
N LEU B 38 -25.93 21.13 13.14
CA LEU B 38 -26.80 20.18 12.47
C LEU B 38 -28.23 20.71 12.40
N ASP B 39 -28.70 21.29 13.50
CA ASP B 39 -30.04 21.84 13.55
C ASP B 39 -30.20 22.96 12.51
N TYR B 40 -29.24 23.88 12.50
CA TYR B 40 -29.27 24.99 11.55
C TYR B 40 -29.26 24.48 10.11
N LEU B 41 -28.30 23.63 9.81
CA LEU B 41 -28.15 23.09 8.46
C LEU B 41 -29.39 22.37 7.95
N GLN B 42 -30.02 21.55 8.79
CA GLN B 42 -31.22 20.84 8.38
C GLN B 42 -32.39 21.79 8.15
N LYS B 43 -32.46 22.86 8.94
CA LYS B 43 -33.54 23.83 8.81
C LYS B 43 -33.38 24.77 7.62
N PHE B 44 -32.14 25.08 7.26
CA PHE B 44 -31.94 25.99 6.15
C PHE B 44 -31.52 25.40 4.81
N ALA B 45 -31.53 24.07 4.73
CA ALA B 45 -31.22 23.37 3.49
C ALA B 45 -32.53 23.40 2.73
N LYS B 46 -32.54 24.02 1.56
CA LYS B 46 -33.77 24.12 0.77
C LYS B 46 -33.92 23.07 -0.33
N LEU B 47 -32.97 22.15 -0.36
CA LEU B 47 -32.98 21.05 -1.34
C LEU B 47 -32.17 19.92 -0.73
N ASP B 48 -32.26 18.73 -1.31
CA ASP B 48 -31.45 17.62 -0.79
C ASP B 48 -30.07 17.84 -1.39
N LYS B 49 -29.08 17.06 -0.97
CA LYS B 49 -27.72 17.25 -1.49
C LYS B 49 -27.61 17.13 -3.00
N GLU B 50 -28.20 16.09 -3.58
CA GLU B 50 -28.13 15.87 -5.02
C GLU B 50 -28.57 17.10 -5.82
N GLU B 51 -29.76 17.59 -5.55
CA GLU B 51 -30.31 18.75 -6.25
C GLU B 51 -29.48 20.01 -6.06
N ALA B 52 -29.02 20.25 -4.82
CA ALA B 52 -28.23 21.43 -4.55
C ALA B 52 -26.94 21.44 -5.36
N LYS B 53 -26.28 20.28 -5.44
CA LYS B 53 -25.04 20.19 -6.18
C LYS B 53 -25.28 20.29 -7.68
N LYS B 54 -26.46 19.86 -8.12
CA LYS B 54 -26.81 19.93 -9.53
C LYS B 54 -27.04 21.38 -9.91
N LEU B 55 -27.66 22.14 -8.99
CA LEU B 55 -27.94 23.55 -9.23
C LEU B 55 -26.63 24.33 -9.30
N VAL B 56 -25.73 24.06 -8.38
CA VAL B 56 -24.45 24.75 -8.35
C VAL B 56 -23.69 24.49 -9.66
N GLU B 57 -23.75 23.26 -10.14
CA GLU B 57 -23.08 22.92 -11.39
C GLU B 57 -23.66 23.69 -12.57
N GLU B 58 -24.99 23.79 -12.62
CA GLU B 58 -25.65 24.53 -13.70
C GLU B 58 -25.21 25.98 -13.69
N LEU B 59 -25.20 26.57 -12.50
CA LEU B 59 -24.80 27.97 -12.35
C LEU B 59 -23.34 28.18 -12.73
N ILE B 60 -22.50 27.21 -12.39
CA ILE B 60 -21.08 27.29 -12.72
C ILE B 60 -20.87 27.19 -14.22
N SER B 61 -21.74 26.42 -14.88
CA SER B 61 -21.66 26.23 -16.32
C SER B 61 -21.92 27.55 -17.04
N LEU B 62 -22.58 28.48 -16.36
CA LEU B 62 -22.87 29.78 -16.93
C LEU B 62 -21.73 30.76 -16.68
N GLY B 63 -20.69 30.29 -16.01
CA GLY B 63 -19.55 31.14 -15.72
C GLY B 63 -19.59 31.82 -14.37
N ILE B 64 -20.58 31.45 -13.55
CA ILE B 64 -20.70 32.04 -12.22
C ILE B 64 -19.68 31.41 -11.28
N ASP B 65 -18.90 32.24 -10.60
CA ASP B 65 -17.88 31.77 -9.68
C ASP B 65 -18.48 30.81 -8.65
N GLU B 66 -17.67 29.89 -8.14
CA GLU B 66 -18.12 28.90 -7.16
C GLU B 66 -18.81 29.46 -5.93
N LYS B 67 -18.15 30.37 -5.23
CA LYS B 67 -18.71 30.97 -4.02
C LYS B 67 -20.10 31.55 -4.25
N THR B 68 -20.27 32.29 -5.34
CA THR B 68 -21.55 32.90 -5.65
C THR B 68 -22.60 31.86 -6.02
N ALA B 69 -22.19 30.87 -6.81
CA ALA B 69 -23.10 29.82 -7.24
C ALA B 69 -23.65 29.09 -6.02
N VAL B 70 -22.78 28.86 -5.04
CA VAL B 70 -23.18 28.18 -3.81
C VAL B 70 -24.15 29.06 -3.04
N LYS B 71 -23.85 30.34 -2.93
CA LYS B 71 -24.73 31.27 -2.22
C LYS B 71 -26.11 31.31 -2.88
N ILE B 72 -26.13 31.29 -4.21
CA ILE B 72 -27.39 31.31 -4.94
C ILE B 72 -28.18 30.04 -4.64
N ALA B 73 -27.49 28.91 -4.59
CA ALA B 73 -28.14 27.64 -4.31
C ALA B 73 -28.65 27.62 -2.86
N ASP B 74 -27.96 28.32 -1.97
CA ASP B 74 -28.38 28.38 -0.56
C ASP B 74 -29.62 29.25 -0.38
N ILE B 75 -29.62 30.40 -1.06
CA ILE B 75 -30.71 31.37 -0.96
C ILE B 75 -31.92 31.07 -1.85
N LEU B 76 -31.66 30.62 -3.08
CA LEU B 76 -32.72 30.33 -4.05
C LEU B 76 -33.50 31.61 -4.33
N PRO B 77 -32.83 32.62 -4.90
CA PRO B 77 -33.47 33.90 -5.22
C PRO B 77 -34.69 33.73 -6.13
N GLU B 78 -35.73 34.51 -5.88
CA GLU B 78 -36.96 34.41 -6.65
C GLU B 78 -37.17 35.60 -7.60
N ASP B 79 -36.38 36.66 -7.41
CA ASP B 79 -36.50 37.85 -8.24
C ASP B 79 -35.20 38.66 -8.24
N LEU B 80 -35.18 39.72 -9.04
CA LEU B 80 -33.99 40.56 -9.15
C LEU B 80 -33.52 41.14 -7.81
N ASP B 81 -34.45 41.53 -6.96
CA ASP B 81 -34.08 42.07 -5.66
C ASP B 81 -33.29 41.07 -4.82
N ASP B 82 -33.69 39.79 -4.88
CA ASP B 82 -32.97 38.77 -4.12
C ASP B 82 -31.55 38.67 -4.67
N LEU B 83 -31.40 38.78 -5.99
CA LEU B 83 -30.07 38.73 -6.60
C LEU B 83 -29.26 39.95 -6.20
N ARG B 84 -29.92 41.09 -6.05
CA ARG B 84 -29.23 42.31 -5.64
C ARG B 84 -28.68 42.14 -4.23
N ALA B 85 -29.39 41.36 -3.41
CA ALA B 85 -28.96 41.11 -2.05
C ALA B 85 -27.69 40.26 -2.07
N ILE B 86 -27.65 39.31 -3.00
CA ILE B 86 -26.49 38.43 -3.13
C ILE B 86 -25.31 39.18 -3.74
N TYR B 87 -25.55 39.92 -4.82
CA TYR B 87 -24.50 40.69 -5.47
C TYR B 87 -24.32 42.04 -4.81
N TYR B 88 -23.95 42.01 -3.53
CA TYR B 88 -23.74 43.22 -2.75
C TYR B 88 -22.52 43.99 -3.26
N LYS B 89 -22.71 45.29 -3.49
CA LYS B 89 -21.64 46.15 -3.99
C LYS B 89 -21.06 45.60 -5.27
N ARG B 90 -21.84 44.78 -5.95
CA ARG B 90 -21.45 44.17 -7.23
C ARG B 90 -22.55 44.46 -8.25
N GLU B 91 -22.17 44.60 -9.51
CA GLU B 91 -23.14 44.88 -10.55
C GLU B 91 -23.87 43.58 -10.91
N LEU B 92 -25.19 43.67 -11.08
CA LEU B 92 -25.99 42.50 -11.42
C LEU B 92 -25.45 41.82 -12.67
N PRO B 93 -25.54 40.48 -12.73
CA PRO B 93 -25.05 39.72 -13.88
C PRO B 93 -25.87 40.05 -15.12
N GLU B 94 -25.24 40.00 -16.29
CA GLU B 94 -25.94 40.25 -17.53
C GLU B 94 -26.90 39.09 -17.76
N ASN B 95 -26.66 38.00 -17.04
CA ASN B 95 -27.48 36.80 -17.14
C ASN B 95 -28.42 36.65 -15.94
N ALA B 96 -28.72 37.77 -15.29
CA ALA B 96 -29.61 37.77 -14.13
C ALA B 96 -30.88 36.95 -14.35
N GLU B 97 -31.60 37.23 -15.43
CA GLU B 97 -32.83 36.51 -15.72
C GLU B 97 -32.65 35.00 -15.90
N GLU B 98 -31.58 34.59 -16.56
CA GLU B 98 -31.34 33.17 -16.78
C GLU B 98 -31.11 32.46 -15.45
N ILE B 99 -30.45 33.14 -14.52
CA ILE B 99 -30.18 32.57 -13.21
C ILE B 99 -31.50 32.28 -12.48
N LEU B 100 -32.41 33.25 -12.52
CA LEU B 100 -33.69 33.09 -11.86
C LEU B 100 -34.49 31.96 -12.48
N GLU B 101 -34.39 31.82 -13.80
CA GLU B 101 -35.09 30.76 -14.52
C GLU B 101 -34.59 29.40 -14.05
N ILE B 102 -33.28 29.28 -13.91
CA ILE B 102 -32.66 28.03 -13.47
C ILE B 102 -33.01 27.76 -12.01
N VAL B 103 -32.93 28.79 -11.16
CA VAL B 103 -33.27 28.64 -9.75
C VAL B 103 -34.73 28.21 -9.67
N ARG B 104 -35.58 28.91 -10.43
CA ARG B 104 -37.01 28.62 -10.47
C ARG B 104 -37.17 27.36 -11.30
N LYS B 105 -36.05 26.72 -11.59
CA LYS B 105 -36.06 25.50 -12.35
C LYS B 105 -35.66 24.35 -11.51
N TYR B 106 -35.39 24.50 -10.22
CA TYR B 106 -35.00 23.25 -9.59
C TYR B 106 -36.21 22.38 -9.67
N ILE B 107 -36.39 21.93 -10.91
CA ILE B 107 -37.59 21.31 -11.21
C ILE B 107 -37.08 20.94 -12.63
N MET C 1 24.11 -29.58 -3.38
CA MET C 1 22.72 -29.22 -2.97
C MET C 1 22.32 -27.88 -3.56
N TYR C 2 21.02 -27.61 -3.56
CA TYR C 2 20.50 -26.34 -4.07
C TYR C 2 19.61 -25.75 -2.99
N LYS C 3 19.68 -24.43 -2.84
CA LYS C 3 18.87 -23.76 -1.83
C LYS C 3 18.33 -22.44 -2.35
N ILE C 4 17.26 -21.98 -1.71
CA ILE C 4 16.69 -20.68 -2.01
C ILE C 4 16.94 -19.95 -0.71
N LEU C 5 17.72 -18.88 -0.77
CA LEU C 5 18.04 -18.10 0.42
C LEU C 5 17.20 -16.84 0.46
N GLU C 6 16.85 -16.42 1.67
CA GLU C 6 16.10 -15.18 1.87
C GLU C 6 17.19 -14.19 2.24
N ILE C 7 17.34 -13.14 1.43
CA ILE C 7 18.38 -12.15 1.67
C ILE C 7 17.85 -10.76 1.97
N ALA C 8 18.40 -10.14 3.02
CA ALA C 8 18.04 -8.78 3.39
C ALA C 8 19.19 -7.93 2.85
N ASP C 9 18.87 -6.80 2.22
CA ASP C 9 19.92 -5.97 1.64
C ASP C 9 19.40 -4.55 1.47
N VAL C 10 20.27 -3.68 0.95
CA VAL C 10 19.91 -2.30 0.65
C VAL C 10 20.33 -2.10 -0.80
N VAL C 11 19.36 -1.81 -1.66
CA VAL C 11 19.62 -1.63 -3.08
C VAL C 11 19.60 -0.17 -3.49
N LYS C 12 20.63 0.24 -4.23
CA LYS C 12 20.74 1.60 -4.72
C LYS C 12 20.11 1.71 -6.10
N VAL C 13 19.08 2.55 -6.21
CA VAL C 13 18.38 2.75 -7.47
C VAL C 13 18.69 4.14 -8.02
N PRO C 14 19.45 4.21 -9.13
CA PRO C 14 19.81 5.49 -9.74
C PRO C 14 18.59 6.27 -10.22
N PRO C 15 18.70 7.60 -10.26
CA PRO C 15 17.57 8.43 -10.71
C PRO C 15 17.16 8.17 -12.17
N GLU C 16 18.11 7.72 -12.98
CA GLU C 16 17.84 7.44 -14.38
C GLU C 16 16.80 6.32 -14.58
N GLU C 17 16.43 5.66 -13.49
CA GLU C 17 15.45 4.59 -13.57
C GLU C 17 14.01 5.11 -13.42
N PHE C 18 13.86 6.43 -13.48
CA PHE C 18 12.56 7.06 -13.36
C PHE C 18 11.50 6.42 -14.26
N GLY C 19 10.29 6.25 -13.71
CA GLY C 19 9.19 5.70 -14.47
C GLY C 19 9.15 4.20 -14.69
N LYS C 20 10.28 3.53 -14.54
CA LYS C 20 10.34 2.09 -14.74
C LYS C 20 9.75 1.37 -13.52
N ASP C 21 9.19 0.18 -13.73
CA ASP C 21 8.63 -0.58 -12.64
C ASP C 21 9.73 -0.79 -11.60
N LEU C 22 9.47 -0.40 -10.36
CA LEU C 22 10.45 -0.52 -9.30
C LEU C 22 10.94 -1.93 -9.00
N LYS C 23 10.00 -2.88 -8.87
CA LYS C 23 10.38 -4.25 -8.58
C LYS C 23 11.27 -4.83 -9.68
N GLU C 24 10.91 -4.59 -10.93
CA GLU C 24 11.71 -5.08 -12.05
C GLU C 24 13.08 -4.42 -12.07
N THR C 25 13.11 -3.12 -11.76
CA THR C 25 14.37 -2.39 -11.73
C THR C 25 15.27 -2.95 -10.64
N VAL C 26 14.71 -3.14 -9.45
CA VAL C 26 15.48 -3.67 -8.34
C VAL C 26 16.00 -5.07 -8.66
N LYS C 27 15.17 -5.91 -9.26
CA LYS C 27 15.63 -7.26 -9.59
C LYS C 27 16.80 -7.22 -10.57
N LYS C 28 16.72 -6.32 -11.56
CA LYS C 28 17.80 -6.21 -12.55
C LYS C 28 19.10 -5.81 -11.88
N ILE C 29 19.03 -4.84 -10.97
CA ILE C 29 20.21 -4.38 -10.25
C ILE C 29 20.82 -5.52 -9.44
N LEU C 30 19.97 -6.28 -8.77
CA LEU C 30 20.42 -7.41 -7.96
C LEU C 30 21.06 -8.50 -8.81
N MET C 31 20.47 -8.78 -9.96
CA MET C 31 21.01 -9.81 -10.85
C MET C 31 22.43 -9.44 -11.29
N GLU C 32 22.60 -8.19 -11.69
CA GLU C 32 23.89 -7.71 -12.15
C GLU C 32 24.94 -7.73 -11.05
N LYS C 33 24.53 -7.39 -9.83
CA LYS C 33 25.44 -7.33 -8.71
C LYS C 33 25.85 -8.68 -8.11
N TYR C 34 24.90 -9.60 -7.96
CA TYR C 34 25.20 -10.87 -7.31
C TYR C 34 25.34 -12.16 -8.10
N GLU C 35 24.61 -12.30 -9.21
CA GLU C 35 24.69 -13.55 -9.97
C GLU C 35 26.11 -13.82 -10.44
N GLY C 36 26.56 -15.06 -10.26
CA GLY C 36 27.89 -15.44 -10.68
C GLY C 36 28.90 -15.42 -9.55
N ARG C 37 28.54 -14.77 -8.43
CA ARG C 37 29.43 -14.71 -7.29
C ARG C 37 29.56 -16.07 -6.60
N LEU C 38 30.76 -16.38 -6.16
CA LEU C 38 31.00 -17.65 -5.48
C LEU C 38 31.54 -17.34 -4.08
N ASP C 39 30.80 -17.79 -3.06
CA ASP C 39 31.20 -17.57 -1.68
C ASP C 39 31.34 -18.91 -0.97
N LYS C 40 32.43 -19.06 -0.23
CA LYS C 40 32.73 -20.28 0.50
C LYS C 40 31.59 -20.74 1.41
N ASP C 41 30.90 -19.79 2.04
CA ASP C 41 29.82 -20.11 2.96
C ASP C 41 28.42 -20.08 2.36
N VAL C 42 28.26 -19.39 1.24
CA VAL C 42 26.95 -19.29 0.60
C VAL C 42 26.82 -20.23 -0.60
N GLY C 43 27.88 -20.32 -1.39
CA GLY C 43 27.86 -21.16 -2.57
C GLY C 43 27.89 -20.31 -3.81
N PHE C 44 27.44 -20.87 -4.93
CA PHE C 44 27.40 -20.16 -6.20
C PHE C 44 26.03 -19.52 -6.39
N VAL C 45 25.99 -18.20 -6.56
CA VAL C 45 24.73 -17.49 -6.77
C VAL C 45 24.26 -17.68 -8.21
N LEU C 46 23.26 -18.55 -8.38
CA LEU C 46 22.74 -18.87 -9.70
C LEU C 46 21.73 -17.89 -10.26
N SER C 47 20.81 -17.45 -9.41
CA SER C 47 19.79 -16.53 -9.89
C SER C 47 19.04 -15.80 -8.78
N ILE C 48 18.62 -14.58 -9.10
CA ILE C 48 17.81 -13.80 -8.18
C ILE C 48 16.44 -14.32 -8.56
N VAL C 49 15.62 -14.67 -7.59
CA VAL C 49 14.28 -15.17 -7.91
C VAL C 49 13.28 -14.05 -7.68
N ASP C 50 12.41 -14.20 -6.68
CA ASP C 50 11.41 -13.17 -6.40
C ASP C 50 11.93 -12.09 -5.45
N VAL C 51 11.56 -10.84 -5.71
CA VAL C 51 11.92 -9.73 -4.81
C VAL C 51 10.69 -9.69 -3.92
N LYS C 52 10.85 -10.02 -2.64
CA LYS C 52 9.73 -10.10 -1.73
C LYS C 52 9.29 -8.84 -0.97
N ASP C 53 10.17 -7.85 -0.87
CA ASP C 53 9.83 -6.62 -0.17
C ASP C 53 10.77 -5.48 -0.54
N ILE C 54 10.19 -4.30 -0.75
CA ILE C 54 10.96 -3.10 -1.08
C ILE C 54 10.48 -1.94 -0.22
N GLY C 55 11.33 -1.48 0.67
CA GLY C 55 10.96 -0.37 1.54
C GLY C 55 11.04 0.97 0.85
N GLU C 56 10.65 2.03 1.55
CA GLU C 56 10.68 3.37 0.98
C GLU C 56 12.13 3.74 0.66
N GLY C 57 12.33 4.48 -0.43
CA GLY C 57 13.66 4.87 -0.80
C GLY C 57 14.15 6.11 -0.07
N LYS C 58 15.45 6.16 0.18
CA LYS C 58 16.05 7.30 0.85
C LYS C 58 17.24 7.79 0.06
N VAL C 59 17.27 9.06 -0.26
CA VAL C 59 18.39 9.63 -0.99
C VAL C 59 19.40 10.07 0.06
N VAL C 60 20.32 9.16 0.39
CA VAL C 60 21.33 9.41 1.41
C VAL C 60 22.43 10.37 0.99
N HIS C 61 22.78 10.35 -0.30
CA HIS C 61 23.83 11.22 -0.80
C HIS C 61 23.30 12.23 -1.81
N GLY C 62 24.14 13.19 -2.18
CA GLY C 62 23.73 14.21 -3.13
C GLY C 62 23.73 13.76 -4.58
N ASP C 63 23.85 12.46 -4.83
CA ASP C 63 23.87 11.95 -6.19
C ASP C 63 22.46 11.67 -6.72
N GLY C 64 21.45 11.78 -5.86
CA GLY C 64 20.08 11.57 -6.28
C GLY C 64 19.61 10.11 -6.30
N SER C 65 20.50 9.19 -5.95
CA SER C 65 20.13 7.77 -5.93
C SER C 65 19.31 7.45 -4.68
N ALA C 66 18.32 6.60 -4.84
CA ALA C 66 17.46 6.21 -3.72
C ALA C 66 17.85 4.82 -3.21
N TYR C 67 18.09 4.74 -1.91
CA TYR C 67 18.46 3.48 -1.27
C TYR C 67 17.21 2.85 -0.65
N HIS C 68 16.87 1.65 -1.09
CA HIS C 68 15.69 0.95 -0.59
C HIS C 68 16.06 -0.32 0.15
N PRO C 69 15.47 -0.54 1.33
CA PRO C 69 15.79 -1.79 2.03
C PRO C 69 15.00 -2.85 1.26
N VAL C 70 15.58 -4.02 1.05
CA VAL C 70 14.88 -5.04 0.29
C VAL C 70 15.11 -6.44 0.85
N VAL C 71 14.20 -7.34 0.51
CA VAL C 71 14.29 -8.73 0.88
C VAL C 71 14.08 -9.46 -0.44
N PHE C 72 14.96 -10.40 -0.77
CA PHE C 72 14.81 -11.12 -2.02
C PHE C 72 15.25 -12.57 -1.93
N GLU C 73 14.79 -13.37 -2.88
CA GLU C 73 15.11 -14.79 -2.96
C GLU C 73 16.30 -14.98 -3.88
N THR C 74 17.16 -15.93 -3.57
CA THR C 74 18.30 -16.23 -4.43
C THR C 74 18.54 -17.72 -4.45
N LEU C 75 18.65 -18.27 -5.65
CA LEU C 75 18.92 -19.69 -5.83
C LEU C 75 20.42 -19.86 -5.85
N VAL C 76 20.94 -20.75 -5.00
CA VAL C 76 22.37 -20.99 -4.93
C VAL C 76 22.69 -22.48 -5.04
N TYR C 77 23.86 -22.78 -5.58
CA TYR C 77 24.33 -24.15 -5.66
C TYR C 77 25.36 -24.24 -4.55
N ILE C 78 25.22 -25.21 -3.67
CA ILE C 78 26.17 -25.38 -2.58
C ILE C 78 26.53 -26.85 -2.37
N PRO C 79 27.75 -27.24 -2.73
CA PRO C 79 28.14 -28.64 -2.54
C PRO C 79 28.36 -28.87 -1.04
N GLU C 80 28.01 -30.06 -0.57
CA GLU C 80 28.20 -30.37 0.85
C GLU C 80 29.02 -31.64 0.99
N MET C 81 29.79 -31.72 2.07
CA MET C 81 30.63 -32.90 2.30
C MET C 81 29.80 -34.16 2.41
N TYR C 82 30.29 -35.21 1.75
CA TYR C 82 29.66 -36.53 1.75
C TYR C 82 28.32 -36.57 1.02
N GLU C 83 28.03 -35.54 0.24
CA GLU C 83 26.77 -35.48 -0.49
C GLU C 83 26.73 -36.49 -1.64
N LEU C 84 25.58 -37.16 -1.79
CA LEU C 84 25.39 -38.12 -2.88
C LEU C 84 24.91 -37.31 -4.08
N ILE C 85 25.60 -37.41 -5.20
CA ILE C 85 25.21 -36.66 -6.38
C ILE C 85 25.12 -37.50 -7.66
N GLU C 86 24.45 -36.95 -8.66
CA GLU C 86 24.35 -37.56 -9.97
C GLU C 86 24.82 -36.43 -10.88
N GLY C 87 25.56 -36.77 -11.93
CA GLY C 87 26.05 -35.74 -12.83
C GLY C 87 26.50 -36.33 -14.14
N GLU C 88 26.92 -35.45 -15.05
CA GLU C 88 27.37 -35.86 -16.38
C GLU C 88 28.86 -35.63 -16.58
N VAL C 89 29.56 -36.62 -17.11
CA VAL C 89 30.99 -36.49 -17.37
C VAL C 89 31.18 -35.50 -18.52
N VAL C 90 31.96 -34.44 -18.31
CA VAL C 90 32.18 -33.46 -19.35
C VAL C 90 33.59 -33.52 -19.95
N ASP C 91 34.49 -34.22 -19.28
CA ASP C 91 35.86 -34.36 -19.79
C ASP C 91 36.57 -35.48 -19.06
N VAL C 92 37.41 -36.20 -19.80
CA VAL C 92 38.17 -37.31 -19.23
C VAL C 92 39.62 -37.03 -19.56
N VAL C 93 40.46 -37.03 -18.53
CA VAL C 93 41.89 -36.75 -18.68
C VAL C 93 42.72 -37.86 -18.03
N GLU C 94 44.04 -37.79 -18.17
CA GLU C 94 44.89 -38.82 -17.59
C GLU C 94 44.82 -38.86 -16.07
N PHE C 95 44.40 -37.75 -15.45
CA PHE C 95 44.31 -37.71 -14.00
C PHE C 95 42.90 -37.84 -13.42
N GLY C 96 41.92 -38.14 -14.26
CA GLY C 96 40.57 -38.29 -13.75
C GLY C 96 39.44 -37.89 -14.69
N SER C 97 38.27 -37.66 -14.13
CA SER C 97 37.11 -37.29 -14.94
C SER C 97 36.35 -36.14 -14.30
N PHE C 98 36.07 -35.11 -15.09
CA PHE C 98 35.32 -33.97 -14.59
C PHE C 98 33.83 -34.22 -14.79
N VAL C 99 33.07 -33.96 -13.74
CA VAL C 99 31.62 -34.19 -13.76
C VAL C 99 30.87 -32.88 -13.49
N ARG C 100 29.94 -32.54 -14.38
CA ARG C 100 29.16 -31.32 -14.18
C ARG C 100 28.15 -31.56 -13.06
N LEU C 101 28.09 -30.62 -12.11
CA LEU C 101 27.19 -30.72 -10.97
C LEU C 101 26.22 -29.54 -10.94
N GLY C 102 26.36 -28.68 -11.93
CA GLY C 102 25.54 -27.49 -12.03
C GLY C 102 26.44 -26.42 -12.59
N PRO C 103 26.60 -25.27 -11.90
CA PRO C 103 27.48 -24.21 -12.41
C PRO C 103 28.95 -24.57 -12.23
N LEU C 104 29.22 -25.55 -11.36
CA LEU C 104 30.59 -25.98 -11.10
C LEU C 104 30.75 -27.46 -11.40
N ASP C 105 31.99 -27.88 -11.63
CA ASP C 105 32.28 -29.27 -11.91
C ASP C 105 33.00 -29.90 -10.73
N GLY C 106 32.92 -31.22 -10.65
CA GLY C 106 33.61 -31.96 -9.61
C GLY C 106 34.64 -32.81 -10.33
N LEU C 107 35.67 -33.27 -9.62
CA LEU C 107 36.68 -34.10 -10.23
C LEU C 107 36.79 -35.45 -9.53
N ILE C 108 36.65 -36.52 -10.29
CA ILE C 108 36.81 -37.86 -9.76
C ILE C 108 38.26 -38.17 -10.14
N HIS C 109 39.16 -38.23 -9.17
CA HIS C 109 40.54 -38.53 -9.50
C HIS C 109 40.59 -39.92 -10.12
N VAL C 110 41.53 -40.13 -11.04
CA VAL C 110 41.65 -41.39 -11.76
C VAL C 110 41.60 -42.66 -10.91
N SER C 111 42.15 -42.62 -9.70
CA SER C 111 42.14 -43.82 -8.84
C SER C 111 40.84 -43.99 -8.05
N GLN C 112 39.89 -43.06 -8.24
CA GLN C 112 38.62 -43.14 -7.51
C GLN C 112 37.43 -43.43 -8.40
N ILE C 113 37.69 -43.96 -9.59
CA ILE C 113 36.63 -44.26 -10.54
C ILE C 113 36.01 -45.64 -10.42
N MET C 114 36.85 -46.68 -10.35
CA MET C 114 36.34 -48.05 -10.26
C MET C 114 37.31 -48.96 -9.55
N ASP C 115 36.84 -50.13 -9.14
CA ASP C 115 37.69 -51.11 -8.48
C ASP C 115 38.32 -51.95 -9.57
N ASP C 116 39.39 -51.41 -10.16
CA ASP C 116 40.10 -52.08 -11.24
C ASP C 116 41.40 -51.28 -11.42
N TYR C 117 42.28 -51.79 -12.27
CA TYR C 117 43.52 -51.10 -12.56
C TYR C 117 43.22 -50.44 -13.90
N VAL C 118 43.14 -49.12 -13.89
CA VAL C 118 42.77 -48.37 -15.08
C VAL C 118 43.89 -47.71 -15.86
N SER C 119 43.56 -47.35 -17.10
CA SER C 119 44.49 -46.67 -17.98
C SER C 119 43.68 -45.63 -18.76
N TYR C 120 44.34 -44.53 -19.10
CA TYR C 120 43.70 -43.46 -19.85
C TYR C 120 43.99 -43.68 -21.33
N ASP C 121 42.94 -43.70 -22.14
CA ASP C 121 43.07 -43.89 -23.58
C ASP C 121 42.79 -42.56 -24.26
N PRO C 122 43.85 -41.83 -24.64
CA PRO C 122 43.71 -40.53 -25.31
C PRO C 122 42.99 -40.60 -26.65
N LYS C 123 42.98 -41.78 -27.27
CA LYS C 123 42.34 -41.96 -28.56
C LYS C 123 40.81 -41.98 -28.41
N ARG C 124 40.34 -42.71 -27.40
CA ARG C 124 38.91 -42.81 -27.15
C ARG C 124 38.44 -41.79 -26.12
N GLU C 125 39.39 -41.04 -25.55
CA GLU C 125 39.08 -40.04 -24.53
C GLU C 125 38.31 -40.73 -23.41
N ALA C 126 38.87 -41.83 -22.91
CA ALA C 126 38.20 -42.58 -21.86
C ALA C 126 39.16 -43.24 -20.89
N ILE C 127 38.62 -43.67 -19.75
CA ILE C 127 39.40 -44.37 -18.74
C ILE C 127 38.81 -45.77 -18.75
N ILE C 128 39.69 -46.76 -18.98
CA ILE C 128 39.27 -48.15 -19.11
C ILE C 128 39.90 -49.09 -18.09
N GLY C 129 39.08 -50.02 -17.58
CA GLY C 129 39.57 -50.98 -16.60
C GLY C 129 40.23 -52.17 -17.29
N LYS C 130 41.40 -52.54 -16.81
CA LYS C 130 42.15 -53.65 -17.40
C LYS C 130 41.52 -55.02 -17.16
N GLU C 131 40.96 -55.23 -15.97
CA GLU C 131 40.37 -56.52 -15.63
C GLU C 131 38.90 -56.68 -16.02
N THR C 132 38.13 -55.60 -15.90
CA THR C 132 36.70 -55.64 -16.19
C THR C 132 36.28 -55.08 -17.54
N GLY C 133 37.13 -54.23 -18.13
CA GLY C 133 36.79 -53.64 -19.41
C GLY C 133 35.79 -52.52 -19.26
N LYS C 134 35.48 -52.14 -18.02
CA LYS C 134 34.54 -51.06 -17.77
C LYS C 134 35.12 -49.78 -18.38
N VAL C 135 34.25 -48.95 -18.93
CA VAL C 135 34.69 -47.71 -19.57
C VAL C 135 33.95 -46.48 -19.06
N LEU C 136 34.69 -45.40 -18.86
CA LEU C 136 34.08 -44.14 -18.43
C LEU C 136 34.50 -43.14 -19.49
N GLU C 137 33.52 -42.52 -20.15
CA GLU C 137 33.83 -41.56 -21.19
C GLU C 137 32.93 -40.33 -21.11
N ILE C 138 33.25 -39.34 -21.93
CA ILE C 138 32.48 -38.10 -21.95
C ILE C 138 31.03 -38.35 -22.33
N GLY C 139 30.11 -37.76 -21.57
CA GLY C 139 28.70 -37.93 -21.83
C GLY C 139 28.02 -38.92 -20.89
N ASP C 140 28.82 -39.74 -20.21
CA ASP C 140 28.28 -40.74 -19.29
C ASP C 140 27.67 -40.10 -18.05
N TYR C 141 26.63 -40.74 -17.51
CA TYR C 141 26.00 -40.25 -16.29
C TYR C 141 26.54 -41.10 -15.15
N VAL C 142 26.79 -40.45 -14.02
CA VAL C 142 27.32 -41.16 -12.86
C VAL C 142 26.64 -40.76 -11.56
N ARG C 143 26.83 -41.60 -10.55
CA ARG C 143 26.31 -41.35 -9.22
C ARG C 143 27.59 -41.41 -8.38
N ALA C 144 27.91 -40.33 -7.69
CA ALA C 144 29.14 -40.29 -6.90
C ALA C 144 28.92 -39.60 -5.57
N ARG C 145 30.00 -39.45 -4.80
CA ARG C 145 29.91 -38.78 -3.51
C ARG C 145 31.02 -37.74 -3.36
N ILE C 146 30.67 -36.58 -2.82
CA ILE C 146 31.64 -35.52 -2.62
C ILE C 146 32.49 -35.85 -1.40
N VAL C 147 33.81 -35.83 -1.56
CA VAL C 147 34.73 -36.15 -0.48
C VAL C 147 35.67 -35.02 -0.09
N ALA C 148 35.67 -33.93 -0.86
CA ALA C 148 36.51 -32.79 -0.57
C ALA C 148 35.93 -31.54 -1.21
N ILE C 149 35.95 -30.43 -0.47
CA ILE C 149 35.43 -29.16 -0.97
C ILE C 149 36.33 -27.98 -0.59
N SER C 150 36.59 -27.12 -1.56
CA SER C 150 37.40 -25.93 -1.36
C SER C 150 36.93 -24.87 -2.35
N LEU C 151 36.00 -24.02 -1.91
CA LEU C 151 35.44 -22.98 -2.78
C LEU C 151 36.21 -21.66 -2.67
N SER C 159 38.44 -23.07 -7.71
CA SER C 159 37.46 -23.82 -6.92
C SER C 159 37.51 -25.29 -7.26
N LYS C 160 37.50 -26.14 -6.24
CA LYS C 160 37.56 -27.58 -6.47
C LYS C 160 36.63 -28.41 -5.59
N ILE C 161 36.04 -29.41 -6.22
CA ILE C 161 35.14 -30.34 -5.56
C ILE C 161 35.66 -31.71 -5.98
N ALA C 162 36.03 -32.53 -5.00
CA ALA C 162 36.54 -33.87 -5.27
C ALA C 162 35.42 -34.89 -5.10
N LEU C 163 35.38 -35.85 -6.02
CA LEU C 163 34.36 -36.90 -6.02
C LEU C 163 34.95 -38.29 -6.04
N THR C 164 34.20 -39.26 -5.53
CA THR C 164 34.64 -40.65 -5.57
C THR C 164 33.47 -41.54 -5.96
N MET C 165 33.80 -42.68 -6.56
CA MET C 165 32.79 -43.66 -6.93
C MET C 165 33.25 -45.00 -6.38
N ARG C 166 34.29 -44.95 -5.55
CA ARG C 166 34.85 -46.15 -4.92
C ARG C 166 34.16 -46.46 -3.60
N GLN C 167 32.84 -46.64 -3.67
CA GLN C 167 32.04 -46.98 -2.52
C GLN C 167 30.84 -47.75 -3.04
N PRO C 168 30.16 -48.51 -2.17
CA PRO C 168 29.00 -49.25 -2.65
C PRO C 168 27.95 -48.25 -3.14
N TYR C 169 27.13 -48.66 -4.11
CA TYR C 169 26.04 -47.84 -4.64
C TYR C 169 26.45 -46.70 -5.56
N LEU C 170 27.75 -46.56 -5.82
CA LEU C 170 28.23 -45.49 -6.70
C LEU C 170 28.78 -46.04 -8.01
N GLY C 171 28.99 -45.13 -8.96
CA GLY C 171 29.54 -45.51 -10.25
C GLY C 171 28.72 -45.00 -11.42
N LYS C 172 29.18 -45.31 -12.63
CA LYS C 172 28.46 -44.95 -13.85
C LYS C 172 27.11 -45.63 -13.66
N LEU C 173 26.03 -44.99 -14.09
CA LEU C 173 24.71 -45.59 -13.89
C LEU C 173 24.61 -47.01 -14.40
N GLU C 174 25.23 -47.28 -15.55
CA GLU C 174 25.19 -48.64 -16.11
C GLU C 174 25.83 -49.68 -15.19
N TRP C 175 26.90 -49.31 -14.49
CA TRP C 175 27.55 -50.26 -13.60
C TRP C 175 26.68 -50.58 -12.40
N ILE C 176 25.98 -49.56 -11.89
CA ILE C 176 25.10 -49.75 -10.75
C ILE C 176 23.97 -50.70 -11.13
N GLU C 177 23.37 -50.47 -12.28
CA GLU C 177 22.28 -51.31 -12.77
C GLU C 177 22.78 -52.74 -12.94
N GLU C 178 23.99 -52.87 -13.48
CA GLU C 178 24.58 -54.18 -13.70
C GLU C 178 24.73 -54.98 -12.42
N GLU C 179 25.12 -54.32 -11.32
CA GLU C 179 25.27 -55.01 -10.04
C GLU C 179 23.88 -55.39 -9.53
N LYS C 180 22.94 -54.45 -9.62
CA LYS C 180 21.57 -54.69 -9.19
C LYS C 180 21.14 -56.03 -9.75
N ALA C 181 21.31 -56.19 -11.06
CA ALA C 181 20.96 -57.44 -11.72
C ALA C 181 21.83 -58.55 -11.15
N ILE D 2 27.06 -11.50 -0.02
CA ILE D 2 25.69 -11.48 -0.61
C ILE D 2 24.68 -10.82 0.32
N GLY D 3 24.34 -9.57 0.03
CA GLY D 3 23.38 -8.86 0.85
C GLY D 3 23.96 -8.45 2.20
N LYS D 4 23.10 -7.94 3.06
CA LYS D 4 23.52 -7.51 4.40
C LYS D 4 23.38 -8.65 5.40
N LYS D 5 22.45 -9.56 5.13
CA LYS D 5 22.21 -10.69 6.02
C LYS D 5 21.34 -11.76 5.36
N ILE D 6 21.66 -13.03 5.63
CA ILE D 6 20.85 -14.13 5.11
C ILE D 6 19.83 -14.41 6.21
N LEU D 7 18.56 -14.12 5.92
CA LEU D 7 17.50 -14.29 6.91
C LEU D 7 17.07 -15.74 7.13
N GLY D 8 17.11 -16.54 6.08
CA GLY D 8 16.71 -17.93 6.20
C GLY D 8 16.99 -18.69 4.92
N GLU D 9 16.71 -19.99 4.92
CA GLU D 9 16.96 -20.81 3.74
C GLU D 9 16.04 -22.02 3.67
N ARG D 10 15.95 -22.59 2.47
CA ARG D 10 15.16 -23.79 2.21
C ARG D 10 15.87 -24.60 1.13
N TYR D 11 16.08 -25.89 1.38
CA TYR D 11 16.70 -26.74 0.37
C TYR D 11 15.64 -27.01 -0.69
N VAL D 12 16.04 -26.99 -1.96
CA VAL D 12 15.10 -27.24 -3.04
C VAL D 12 15.57 -28.40 -3.91
N THR D 13 14.61 -29.07 -4.53
CA THR D 13 14.92 -30.20 -5.40
C THR D 13 15.54 -29.73 -6.70
N VAL D 14 16.23 -30.63 -7.38
CA VAL D 14 16.82 -30.32 -8.67
C VAL D 14 15.67 -29.91 -9.59
N SER D 15 14.53 -30.56 -9.43
CA SER D 15 13.36 -30.25 -10.26
C SER D 15 12.89 -28.81 -10.07
N GLU D 16 12.84 -28.34 -8.83
CA GLU D 16 12.41 -26.97 -8.58
C GLU D 16 13.45 -25.99 -9.10
N ALA D 17 14.72 -26.30 -8.87
CA ALA D 17 15.80 -25.44 -9.35
C ALA D 17 15.79 -25.35 -10.87
N ALA D 18 15.43 -26.46 -11.53
CA ALA D 18 15.37 -26.49 -12.98
C ALA D 18 14.32 -25.52 -13.51
N GLU D 19 13.17 -25.48 -12.86
CA GLU D 19 12.10 -24.58 -13.27
C GLU D 19 12.52 -23.13 -13.04
N ILE D 20 13.17 -22.87 -11.90
CA ILE D 20 13.63 -21.54 -11.58
C ILE D 20 14.63 -21.02 -12.63
N MET D 21 15.57 -21.88 -13.03
CA MET D 21 16.55 -21.47 -14.01
C MET D 21 15.91 -21.32 -15.39
N TYR D 22 14.88 -22.12 -15.66
CA TYR D 22 14.21 -22.02 -16.95
C TYR D 22 13.53 -20.66 -17.05
N ASN D 23 12.88 -20.25 -15.97
CA ASN D 23 12.20 -18.95 -15.94
C ASN D 23 13.22 -17.81 -15.99
N ARG D 24 14.36 -18.02 -15.34
CA ARG D 24 15.40 -17.00 -15.34
C ARG D 24 15.93 -16.78 -16.76
N ALA D 25 16.06 -17.87 -17.51
CA ALA D 25 16.56 -17.80 -18.87
C ALA D 25 15.62 -16.98 -19.77
N GLN D 26 14.35 -16.93 -19.40
CA GLN D 26 13.36 -16.19 -20.19
C GLN D 26 13.43 -14.67 -20.02
N ILE D 27 14.06 -14.20 -18.95
CA ILE D 27 14.14 -12.76 -18.72
C ILE D 27 15.48 -12.14 -19.11
N GLY D 28 16.42 -12.95 -19.53
CA GLY D 28 17.72 -12.43 -19.92
C GLY D 28 18.72 -13.52 -20.25
N GLU D 29 19.71 -13.18 -21.07
CA GLU D 29 20.75 -14.15 -21.46
C GLU D 29 21.53 -14.65 -20.25
N LEU D 30 21.79 -15.96 -20.23
CA LEU D 30 22.52 -16.56 -19.12
C LEU D 30 24.02 -16.60 -19.40
N SER D 31 24.81 -16.61 -18.33
CA SER D 31 26.25 -16.69 -18.46
C SER D 31 26.54 -18.13 -18.85
N TYR D 32 27.80 -18.44 -19.17
CA TYR D 32 28.13 -19.80 -19.53
C TYR D 32 27.81 -20.76 -18.38
N GLU D 33 28.25 -20.40 -17.17
CA GLU D 33 28.01 -21.26 -16.01
C GLU D 33 26.53 -21.36 -15.65
N GLN D 34 25.77 -20.29 -15.83
CA GLN D 34 24.34 -20.35 -15.55
C GLN D 34 23.71 -21.29 -16.58
N GLY D 35 24.23 -21.23 -17.81
CA GLY D 35 23.74 -22.09 -18.87
C GLY D 35 24.06 -23.55 -18.58
N CYS D 36 25.24 -23.80 -18.05
CA CYS D 36 25.63 -25.15 -17.68
C CYS D 36 24.71 -25.64 -16.58
N ALA D 37 24.38 -24.77 -15.64
CA ALA D 37 23.50 -25.14 -14.55
C ALA D 37 22.12 -25.49 -15.08
N LEU D 38 21.59 -24.70 -16.00
CA LEU D 38 20.28 -25.00 -16.57
C LEU D 38 20.31 -26.36 -17.27
N ASP D 39 21.37 -26.61 -18.04
CA ASP D 39 21.50 -27.88 -18.75
C ASP D 39 21.49 -29.04 -17.76
N TYR D 40 22.32 -28.93 -16.74
CA TYR D 40 22.42 -29.95 -15.69
C TYR D 40 21.08 -30.19 -14.99
N LEU D 41 20.47 -29.11 -14.52
CA LEU D 41 19.20 -29.23 -13.80
C LEU D 41 18.09 -29.88 -14.63
N GLN D 42 18.00 -29.53 -15.91
CA GLN D 42 16.96 -30.13 -16.75
C GLN D 42 17.22 -31.61 -16.96
N LYS D 43 18.49 -31.97 -17.17
CA LYS D 43 18.86 -33.37 -17.39
C LYS D 43 18.72 -34.23 -16.15
N PHE D 44 18.93 -33.67 -14.97
CA PHE D 44 18.86 -34.46 -13.76
C PHE D 44 17.62 -34.28 -12.89
N ALA D 45 16.65 -33.53 -13.40
CA ALA D 45 15.39 -33.32 -12.69
C ALA D 45 14.53 -34.49 -13.18
N LYS D 46 14.13 -35.37 -12.28
CA LYS D 46 13.33 -36.53 -12.69
C LYS D 46 11.82 -36.26 -12.73
N LEU D 47 11.30 -35.60 -11.71
CA LEU D 47 9.88 -35.26 -11.66
C LEU D 47 9.72 -33.80 -12.06
N ASP D 48 8.51 -33.36 -12.37
CA ASP D 48 8.33 -31.94 -12.68
C ASP D 48 8.29 -31.24 -11.33
N LYS D 49 8.36 -29.91 -11.32
CA LYS D 49 8.37 -29.17 -10.07
C LYS D 49 7.20 -29.47 -9.11
N GLU D 50 5.98 -29.44 -9.62
CA GLU D 50 4.81 -29.69 -8.78
C GLU D 50 4.90 -31.02 -8.06
N GLU D 51 5.19 -32.08 -8.81
CA GLU D 51 5.29 -33.42 -8.24
C GLU D 51 6.45 -33.56 -7.27
N ALA D 52 7.59 -32.97 -7.60
CA ALA D 52 8.75 -33.04 -6.73
C ALA D 52 8.46 -32.43 -5.36
N LYS D 53 7.88 -31.24 -5.35
CA LYS D 53 7.58 -30.58 -4.09
C LYS D 53 6.49 -31.33 -3.32
N LYS D 54 5.55 -31.93 -4.05
CA LYS D 54 4.50 -32.69 -3.41
C LYS D 54 5.13 -33.87 -2.69
N LEU D 55 6.09 -34.52 -3.34
CA LEU D 55 6.78 -35.67 -2.76
C LEU D 55 7.57 -35.27 -1.52
N VAL D 56 8.28 -34.15 -1.60
CA VAL D 56 9.07 -33.68 -0.46
C VAL D 56 8.16 -33.40 0.74
N GLU D 57 7.02 -32.75 0.48
CA GLU D 57 6.07 -32.43 1.53
C GLU D 57 5.56 -33.70 2.20
N GLU D 58 5.25 -34.70 1.38
CA GLU D 58 4.76 -35.97 1.91
C GLU D 58 5.81 -36.69 2.75
N LEU D 59 7.07 -36.58 2.35
CA LEU D 59 8.15 -37.22 3.10
C LEU D 59 8.42 -36.49 4.40
N ILE D 60 8.37 -35.15 4.36
CA ILE D 60 8.59 -34.35 5.55
C ILE D 60 7.48 -34.64 6.56
N SER D 61 6.29 -34.93 6.04
CA SER D 61 5.15 -35.24 6.89
C SER D 61 5.36 -36.56 7.62
N LEU D 62 6.17 -37.45 7.03
CA LEU D 62 6.46 -38.73 7.65
C LEU D 62 7.45 -38.57 8.78
N GLY D 63 8.18 -37.46 8.78
CA GLY D 63 9.16 -37.20 9.82
C GLY D 63 10.58 -37.10 9.30
N ILE D 64 10.74 -37.23 7.98
CA ILE D 64 12.05 -37.14 7.35
C ILE D 64 12.50 -35.68 7.31
N ASP D 65 13.77 -35.42 7.61
CA ASP D 65 14.29 -34.05 7.59
C ASP D 65 14.23 -33.49 6.17
N GLU D 66 14.12 -32.18 6.06
CA GLU D 66 14.02 -31.52 4.77
C GLU D 66 15.08 -31.91 3.74
N LYS D 67 16.34 -31.70 4.08
CA LYS D 67 17.41 -32.00 3.12
C LYS D 67 17.46 -33.45 2.66
N THR D 68 17.07 -34.38 3.54
CA THR D 68 17.07 -35.79 3.16
C THR D 68 15.87 -36.07 2.28
N ALA D 69 14.74 -35.44 2.59
CA ALA D 69 13.52 -35.60 1.81
C ALA D 69 13.78 -35.06 0.41
N VAL D 70 14.51 -33.95 0.33
CA VAL D 70 14.83 -33.34 -0.95
C VAL D 70 15.71 -34.26 -1.78
N LYS D 71 16.73 -34.85 -1.15
CA LYS D 71 17.63 -35.75 -1.85
C LYS D 71 16.87 -36.98 -2.35
N ILE D 72 15.93 -37.46 -1.53
CA ILE D 72 15.13 -38.62 -1.91
C ILE D 72 14.30 -38.31 -3.16
N ALA D 73 13.72 -37.11 -3.20
CA ALA D 73 12.92 -36.70 -4.35
C ALA D 73 13.79 -36.53 -5.59
N ASP D 74 15.06 -36.16 -5.38
CA ASP D 74 15.98 -35.99 -6.51
C ASP D 74 16.36 -37.33 -7.11
N ILE D 75 16.70 -38.27 -6.25
CA ILE D 75 17.14 -39.61 -6.64
C ILE D 75 16.05 -40.60 -7.03
N LEU D 76 14.93 -40.55 -6.31
CA LEU D 76 13.81 -41.47 -6.54
C LEU D 76 14.27 -42.91 -6.33
N PRO D 77 14.78 -43.21 -5.12
CA PRO D 77 15.25 -44.56 -4.82
C PRO D 77 14.14 -45.58 -5.04
N GLU D 78 14.50 -46.74 -5.58
CA GLU D 78 13.51 -47.78 -5.84
C GLU D 78 13.71 -49.06 -5.02
N ASP D 79 14.87 -49.17 -4.38
CA ASP D 79 15.16 -50.33 -3.54
C ASP D 79 15.95 -49.89 -2.32
N LEU D 80 16.13 -50.79 -1.35
CA LEU D 80 16.85 -50.47 -0.14
C LEU D 80 18.28 -49.97 -0.36
N ASP D 81 18.95 -50.52 -1.37
CA ASP D 81 20.32 -50.08 -1.65
C ASP D 81 20.38 -48.60 -2.04
N ASP D 82 19.42 -48.16 -2.85
CA ASP D 82 19.40 -46.76 -3.27
C ASP D 82 19.22 -45.87 -2.04
N LEU D 83 18.42 -46.36 -1.09
CA LEU D 83 18.16 -45.63 0.14
C LEU D 83 19.39 -45.61 1.03
N ARG D 84 20.16 -46.71 1.03
CA ARG D 84 21.37 -46.79 1.84
C ARG D 84 22.41 -45.79 1.32
N ALA D 85 22.36 -45.51 0.02
CA ALA D 85 23.29 -44.57 -0.60
C ALA D 85 22.98 -43.16 -0.10
N ILE D 86 21.69 -42.88 0.10
CA ILE D 86 21.26 -41.58 0.57
C ILE D 86 21.55 -41.44 2.06
N TYR D 87 21.21 -42.47 2.83
CA TYR D 87 21.47 -42.44 4.27
C TYR D 87 22.88 -42.91 4.56
N TYR D 88 23.85 -42.11 4.09
CA TYR D 88 25.26 -42.41 4.26
C TYR D 88 25.68 -42.20 5.71
N LYS D 89 26.36 -43.19 6.28
CA LYS D 89 26.82 -43.14 7.66
C LYS D 89 25.66 -42.91 8.62
N ARG D 90 24.46 -43.28 8.18
CA ARG D 90 23.26 -43.16 9.01
C ARG D 90 22.48 -44.46 8.95
N GLU D 91 21.78 -44.78 10.03
CA GLU D 91 21.00 -46.00 10.10
C GLU D 91 19.86 -45.89 9.09
N LEU D 92 19.56 -47.00 8.41
CA LEU D 92 18.47 -47.00 7.45
C LEU D 92 17.20 -46.77 8.24
N PRO D 93 16.38 -45.78 7.86
CA PRO D 93 15.14 -45.50 8.58
C PRO D 93 14.25 -46.72 8.78
N GLU D 94 13.64 -46.81 9.96
CA GLU D 94 12.77 -47.92 10.31
C GLU D 94 11.60 -48.03 9.33
N ASN D 95 11.23 -46.91 8.73
CA ASN D 95 10.12 -46.88 7.78
C ASN D 95 10.62 -46.78 6.34
N ALA D 96 11.74 -47.45 6.07
CA ALA D 96 12.34 -47.44 4.74
C ALA D 96 11.38 -47.92 3.66
N GLU D 97 10.70 -49.04 3.91
CA GLU D 97 9.76 -49.58 2.94
C GLU D 97 8.63 -48.61 2.61
N GLU D 98 8.15 -47.89 3.62
CA GLU D 98 7.07 -46.93 3.38
C GLU D 98 7.58 -45.81 2.47
N ILE D 99 8.84 -45.43 2.65
CA ILE D 99 9.45 -44.38 1.85
C ILE D 99 9.45 -44.81 0.38
N LEU D 100 9.88 -46.05 0.13
CA LEU D 100 9.92 -46.58 -1.22
C LEU D 100 8.53 -46.65 -1.82
N GLU D 101 7.54 -46.99 -0.99
CA GLU D 101 6.17 -47.08 -1.47
C GLU D 101 5.68 -45.70 -1.89
N ILE D 102 5.98 -44.69 -1.07
CA ILE D 102 5.56 -43.32 -1.37
C ILE D 102 6.20 -42.85 -2.67
N VAL D 103 7.49 -43.12 -2.84
CA VAL D 103 8.20 -42.72 -4.05
C VAL D 103 7.57 -43.40 -5.27
N ARG D 104 7.24 -44.68 -5.11
CA ARG D 104 6.64 -45.46 -6.18
C ARG D 104 5.36 -44.81 -6.71
N LYS D 105 4.71 -43.99 -5.88
CA LYS D 105 3.49 -43.33 -6.29
C LYS D 105 3.74 -42.20 -7.28
N TYR D 106 4.99 -41.72 -7.34
CA TYR D 106 5.33 -40.64 -8.25
C TYR D 106 6.05 -41.11 -9.51
N ILE D 107 6.43 -42.39 -9.55
CA ILE D 107 7.12 -42.93 -10.72
C ILE D 107 6.13 -43.53 -11.71
#